data_6UV2
#
_entry.id   6UV2
#
_cell.length_a   112.722
_cell.length_b   112.722
_cell.length_c   99.426
_cell.angle_alpha   90.000
_cell.angle_beta   90.000
_cell.angle_gamma   120.000
#
_symmetry.space_group_name_H-M   'P 31 2 1'
#
loop_
_entity.id
_entity.type
_entity.pdbx_description
1 polymer 'Probable ATP-dependent RNA helicase DDX17'
2 polymer 'RNA 125a_oligo1'
3 non-polymer "ADENOSINE-5'-DIPHOSPHATE"
4 non-polymer 'BERYLLIUM TRIFLUORIDE ION'
5 non-polymer 'MAGNESIUM ION'
6 water water
#
loop_
_entity_poly.entity_id
_entity_poly.type
_entity_poly.pdbx_seq_one_letter_code
_entity_poly.pdbx_strand_id
1 'polypeptide(L)'
;SGGNPGERLRKKKWDLSELPKFEKNFYVEHPEVARLTPYEVDELRRKKEITVRGGDVCPKPVFAFHHANFPQYVMDVLMD
QHFTEPTPIQCQGFPLALSGRDMVGIAQTGSGKTLAYLLPAIVHINHQPYLERGDGPICLVLAPTRELAQQVQQVADDYG
KCSRLKSTCIYGGAPKGPQIRDLERGVEICIATPGRLIDFLESGKTNLRRCTYLVLDEADRMLDMGFEPQIRKIVDQIRP
DRQTLMWSATWPKEVRQLAEDFLRDYTQINVGNLELSANHNILQIVDVCMESEKDHKLIQLMEEIMAEKENKTIIFVETK
RRCDDLTRRMRRDGWPAMCIHGDKSQPERDWVLNEFRSGKAPILIATDVASRGLDVEDVKFVINYDYPNSSEDYVHRIGR
TARSTNKGTAYTFFTPGNLKQARELIKVLEEANQAINPKLMQLVDHRG
;
A
2 'polyribonucleotide' CACACACCUG C
#
loop_
_chem_comp.id
_chem_comp.type
_chem_comp.name
_chem_comp.formula
A RNA linking ADENOSINE-5'-MONOPHOSPHATE 'C10 H14 N5 O7 P'
ADP non-polymer ADENOSINE-5'-DIPHOSPHATE 'C10 H15 N5 O10 P2'
BEF non-polymer 'BERYLLIUM TRIFLUORIDE ION' 'Be F3 -1'
C RNA linking CYTIDINE-5'-MONOPHOSPHATE 'C9 H14 N3 O8 P'
G RNA linking GUANOSINE-5'-MONOPHOSPHATE 'C10 H14 N5 O8 P'
MG non-polymer 'MAGNESIUM ION' 'Mg 2'
U RNA linking URIDINE-5'-MONOPHOSPHATE 'C9 H13 N2 O9 P'
#
# COMPACT_ATOMS: atom_id res chain seq x y z
N TRP A 14 -17.72 14.21 -23.06
CA TRP A 14 -16.28 14.02 -22.84
C TRP A 14 -15.49 14.05 -24.15
N ASP A 15 -16.16 14.48 -25.23
CA ASP A 15 -15.59 14.40 -26.58
C ASP A 15 -15.21 12.96 -26.91
N LEU A 16 -16.25 12.12 -26.96
CA LEU A 16 -16.06 10.66 -26.98
C LEU A 16 -15.35 10.17 -28.25
N SER A 17 -15.25 10.99 -29.29
CA SER A 17 -14.54 10.59 -30.50
C SER A 17 -13.28 11.40 -30.75
N GLU A 18 -13.08 12.52 -30.05
CA GLU A 18 -11.89 13.34 -30.25
C GLU A 18 -10.64 12.66 -29.68
N LEU A 19 -10.80 11.79 -28.68
CA LEU A 19 -9.64 11.18 -28.04
C LEU A 19 -8.98 10.17 -28.98
N PRO A 20 -7.67 9.96 -28.85
CA PRO A 20 -7.01 8.90 -29.60
C PRO A 20 -7.47 7.52 -29.14
N LYS A 21 -7.15 6.51 -29.94
CA LYS A 21 -7.48 5.14 -29.60
C LYS A 21 -6.30 4.44 -28.93
N PHE A 22 -6.63 3.38 -28.19
CA PHE A 22 -5.62 2.61 -27.46
C PHE A 22 -6.23 1.27 -27.06
N GLU A 23 -5.37 0.29 -26.83
CA GLU A 23 -5.83 -1.02 -26.46
C GLU A 23 -5.39 -1.36 -25.03
N LYS A 24 -6.19 -2.23 -24.42
CA LYS A 24 -6.28 -2.44 -22.98
C LYS A 24 -6.05 -3.89 -22.61
N ASN A 25 -6.53 -4.79 -23.45
CA ASN A 25 -6.53 -6.23 -23.23
C ASN A 25 -5.56 -6.84 -24.24
N PHE A 26 -4.39 -7.23 -23.75
CA PHE A 26 -3.40 -7.97 -24.53
C PHE A 26 -3.03 -9.25 -23.82
N TYR A 27 -3.80 -9.63 -22.80
CA TYR A 27 -3.54 -10.82 -22.03
C TYR A 27 -3.69 -12.06 -22.90
N VAL A 28 -2.70 -12.94 -22.86
CA VAL A 28 -2.77 -14.25 -23.51
C VAL A 28 -2.69 -15.29 -22.41
N GLU A 29 -3.77 -16.04 -22.23
CA GLU A 29 -3.82 -17.03 -21.15
C GLU A 29 -2.91 -18.21 -21.47
N HIS A 30 -2.09 -18.58 -20.50
CA HIS A 30 -1.17 -19.71 -20.69
C HIS A 30 -1.94 -21.02 -20.79
N PRO A 31 -1.49 -21.96 -21.63
CA PRO A 31 -2.19 -23.26 -21.71
C PRO A 31 -2.30 -23.99 -20.38
N GLU A 32 -1.32 -23.83 -19.48
CA GLU A 32 -1.41 -24.49 -18.18
C GLU A 32 -2.55 -23.93 -17.35
N VAL A 33 -2.96 -22.70 -17.62
CA VAL A 33 -4.08 -22.08 -16.92
C VAL A 33 -5.39 -22.33 -17.66
N ALA A 34 -5.37 -22.23 -18.99
CA ALA A 34 -6.59 -22.39 -19.78
C ALA A 34 -7.21 -23.77 -19.59
N ARG A 35 -6.40 -24.79 -19.30
CA ARG A 35 -6.88 -26.17 -19.19
C ARG A 35 -7.68 -26.43 -17.92
N LEU A 36 -7.60 -25.55 -16.91
CA LEU A 36 -8.29 -25.79 -15.65
C LEU A 36 -9.80 -25.70 -15.84
N THR A 37 -10.54 -26.68 -15.32
CA THR A 37 -11.99 -26.61 -15.34
C THR A 37 -12.48 -25.61 -14.28
N PRO A 38 -13.75 -25.19 -14.37
CA PRO A 38 -14.25 -24.23 -13.35
C PRO A 38 -14.09 -24.72 -11.92
N TYR A 39 -14.36 -26.01 -11.68
CA TYR A 39 -14.17 -26.54 -10.34
C TYR A 39 -12.70 -26.49 -9.93
N GLU A 40 -11.79 -26.85 -10.85
CA GLU A 40 -10.36 -26.80 -10.53
C GLU A 40 -9.91 -25.37 -10.21
N VAL A 41 -10.46 -24.40 -10.93
CA VAL A 41 -10.17 -23.00 -10.65
C VAL A 41 -10.70 -22.61 -9.26
N ASP A 42 -11.91 -23.04 -8.93
CA ASP A 42 -12.44 -22.75 -7.60
C ASP A 42 -11.55 -23.36 -6.51
N GLU A 43 -11.03 -24.56 -6.75
CA GLU A 43 -10.16 -25.18 -5.74
C GLU A 43 -8.81 -24.48 -5.65
N LEU A 44 -8.29 -24.00 -6.77
CA LEU A 44 -7.04 -23.21 -6.71
C LEU A 44 -7.26 -21.92 -5.94
N ARG A 45 -8.39 -21.24 -6.20
CA ARG A 45 -8.73 -20.03 -5.46
C ARG A 45 -8.89 -20.34 -3.97
N ARG A 46 -9.58 -21.43 -3.65
CA ARG A 46 -9.74 -21.82 -2.25
C ARG A 46 -8.37 -22.05 -1.58
N LYS A 47 -7.47 -22.74 -2.27
CA LYS A 47 -6.16 -23.02 -1.69
C LYS A 47 -5.39 -21.73 -1.42
N LYS A 48 -5.55 -20.73 -2.28
CA LYS A 48 -4.89 -19.43 -2.09
C LYS A 48 -5.74 -18.43 -1.34
N GLU A 49 -6.94 -18.82 -0.90
CA GLU A 49 -7.89 -17.97 -0.17
C GLU A 49 -8.32 -16.75 -0.99
N ILE A 50 -8.44 -16.95 -2.30
CA ILE A 50 -8.90 -15.91 -3.22
C ILE A 50 -10.42 -15.99 -3.35
N THR A 51 -11.08 -14.85 -3.23
CA THR A 51 -12.51 -14.73 -3.51
C THR A 51 -12.72 -13.69 -4.61
N VAL A 52 -13.42 -14.07 -5.67
CA VAL A 52 -13.85 -13.11 -6.68
C VAL A 52 -15.32 -12.80 -6.45
N ARG A 53 -15.66 -11.51 -6.38
CA ARG A 53 -17.03 -11.10 -6.08
C ARG A 53 -18.00 -11.67 -7.12
N GLY A 54 -19.13 -12.19 -6.63
CA GLY A 54 -20.12 -12.83 -7.48
C GLY A 54 -20.63 -11.97 -8.61
N GLY A 55 -20.66 -12.52 -9.82
CA GLY A 55 -21.18 -11.85 -10.99
C GLY A 55 -20.17 -11.03 -11.77
N ASP A 56 -18.95 -10.83 -11.24
CA ASP A 56 -17.94 -10.05 -11.95
C ASP A 56 -17.27 -10.88 -13.04
N VAL A 57 -16.89 -10.22 -14.14
CA VAL A 57 -16.02 -10.85 -15.12
C VAL A 57 -14.62 -10.98 -14.53
N CYS A 58 -14.01 -12.18 -14.65
CA CYS A 58 -12.66 -12.33 -14.11
C CYS A 58 -11.92 -13.51 -14.75
N PRO A 59 -10.71 -13.28 -15.28
CA PRO A 59 -9.90 -14.41 -15.78
C PRO A 59 -9.56 -15.38 -14.67
N LYS A 60 -9.25 -16.62 -15.08
CA LYS A 60 -8.70 -17.59 -14.15
C LYS A 60 -7.40 -17.04 -13.53
N PRO A 61 -7.11 -17.39 -12.27
CA PRO A 61 -5.83 -16.98 -11.68
C PRO A 61 -4.69 -17.74 -12.32
N VAL A 62 -3.52 -17.08 -12.39
CA VAL A 62 -2.30 -17.80 -12.77
C VAL A 62 -1.74 -18.45 -11.52
N PHE A 63 -0.72 -19.31 -11.66
CA PHE A 63 -0.05 -19.84 -10.49
C PHE A 63 1.46 -19.91 -10.65
N ALA A 64 2.01 -19.31 -11.70
CA ALA A 64 3.45 -19.21 -11.90
C ALA A 64 3.77 -17.91 -12.61
N PHE A 65 4.99 -17.39 -12.39
CA PHE A 65 5.36 -16.12 -13.02
C PHE A 65 5.33 -16.22 -14.54
N HIS A 66 5.72 -17.39 -15.09
CA HIS A 66 5.76 -17.50 -16.55
C HIS A 66 4.38 -17.54 -17.19
N HIS A 67 3.30 -17.67 -16.41
CA HIS A 67 1.97 -17.51 -16.99
C HIS A 67 1.60 -16.05 -17.29
N ALA A 68 2.35 -15.08 -16.79
CA ALA A 68 1.83 -13.71 -16.61
C ALA A 68 2.26 -12.73 -17.69
N ASN A 69 2.67 -13.20 -18.86
CA ASN A 69 2.94 -12.35 -20.03
C ASN A 69 4.12 -11.38 -19.82
N PHE A 70 5.06 -11.69 -18.93
CA PHE A 70 5.97 -10.59 -18.66
C PHE A 70 7.15 -10.61 -19.65
N PRO A 71 7.71 -9.45 -19.95
CA PRO A 71 8.95 -9.41 -20.75
C PRO A 71 10.07 -10.17 -20.04
N GLN A 72 10.99 -10.70 -20.85
CA GLN A 72 12.09 -11.47 -20.28
C GLN A 72 12.90 -10.66 -19.29
N TYR A 73 13.06 -9.35 -19.53
CA TYR A 73 13.77 -8.48 -18.59
C TYR A 73 13.16 -8.56 -17.19
N VAL A 74 11.83 -8.47 -17.12
CA VAL A 74 11.13 -8.54 -15.84
C VAL A 74 11.39 -9.89 -15.17
N MET A 75 11.26 -10.98 -15.94
CA MET A 75 11.51 -12.30 -15.38
C MET A 75 12.92 -12.40 -14.82
N ASP A 76 13.89 -11.80 -15.53
CA ASP A 76 15.27 -11.81 -15.06
C ASP A 76 15.41 -11.08 -13.72
N VAL A 77 14.77 -9.92 -13.60
CA VAL A 77 14.82 -9.21 -12.32
C VAL A 77 14.15 -10.03 -11.22
N LEU A 78 13.01 -10.65 -11.52
CA LEU A 78 12.33 -11.47 -10.53
C LEU A 78 13.22 -12.61 -10.04
N MET A 79 13.91 -13.28 -10.97
CA MET A 79 14.77 -14.39 -10.57
C MET A 79 15.97 -13.88 -9.78
N ASP A 80 16.50 -12.70 -10.13
CA ASP A 80 17.63 -12.15 -9.40
C ASP A 80 17.26 -11.86 -7.95
N GLN A 81 16.01 -11.46 -7.70
CA GLN A 81 15.54 -11.21 -6.34
C GLN A 81 15.09 -12.49 -5.64
N HIS A 82 15.24 -13.64 -6.29
CA HIS A 82 14.89 -14.93 -5.72
C HIS A 82 13.40 -15.04 -5.41
N PHE A 83 12.57 -14.37 -6.21
CA PHE A 83 11.12 -14.55 -6.14
C PHE A 83 10.76 -15.80 -6.94
N THR A 84 10.22 -16.81 -6.25
CA THR A 84 9.94 -18.10 -6.85
C THR A 84 8.51 -18.22 -7.38
N GLU A 85 7.53 -17.66 -6.66
CA GLU A 85 6.12 -17.92 -6.90
C GLU A 85 5.33 -16.65 -6.63
N PRO A 86 4.36 -16.30 -7.48
CA PRO A 86 3.52 -15.13 -7.19
C PRO A 86 2.70 -15.36 -5.93
N THR A 87 2.44 -14.27 -5.20
CA THR A 87 1.61 -14.31 -4.03
C THR A 87 0.15 -14.48 -4.47
N PRO A 88 -0.76 -14.78 -3.55
CA PRO A 88 -2.16 -14.97 -3.98
C PRO A 88 -2.75 -13.76 -4.68
N ILE A 89 -2.51 -12.55 -4.15
CA ILE A 89 -3.06 -11.36 -4.81
C ILE A 89 -2.42 -11.17 -6.17
N GLN A 90 -1.18 -11.60 -6.34
CA GLN A 90 -0.56 -11.57 -7.67
C GLN A 90 -1.17 -12.62 -8.58
N CYS A 91 -1.40 -13.82 -8.04
CA CYS A 91 -1.99 -14.90 -8.83
C CYS A 91 -3.30 -14.44 -9.48
N GLN A 92 -4.18 -13.79 -8.73
CA GLN A 92 -5.43 -13.36 -9.35
C GLN A 92 -5.34 -11.95 -9.94
N GLY A 93 -4.53 -11.05 -9.36
CA GLY A 93 -4.46 -9.68 -9.83
C GLY A 93 -3.73 -9.53 -11.14
N PHE A 94 -2.63 -10.29 -11.36
CA PHE A 94 -1.88 -10.18 -12.62
C PHE A 94 -2.82 -10.37 -13.81
N PRO A 95 -3.52 -11.51 -13.95
CA PRO A 95 -4.34 -11.69 -15.16
C PRO A 95 -5.49 -10.70 -15.25
N LEU A 96 -6.09 -10.35 -14.11
CA LEU A 96 -7.20 -9.40 -14.15
C LEU A 96 -6.73 -8.05 -14.66
N ALA A 97 -5.59 -7.58 -14.13
CA ALA A 97 -5.04 -6.29 -14.57
C ALA A 97 -4.60 -6.36 -16.03
N LEU A 98 -3.92 -7.44 -16.42
CA LEU A 98 -3.46 -7.59 -17.80
C LEU A 98 -4.61 -7.65 -18.79
N SER A 99 -5.79 -8.12 -18.36
CA SER A 99 -6.96 -8.18 -19.22
C SER A 99 -7.59 -6.81 -19.46
N GLY A 100 -7.09 -5.77 -18.78
CA GLY A 100 -7.59 -4.43 -18.98
C GLY A 100 -8.81 -4.06 -18.17
N ARG A 101 -9.27 -4.92 -17.27
CA ARG A 101 -10.50 -4.64 -16.54
C ARG A 101 -10.23 -3.73 -15.34
N ASP A 102 -11.18 -2.81 -15.07
CA ASP A 102 -11.15 -2.06 -13.82
C ASP A 102 -11.26 -3.04 -12.65
N MET A 103 -10.54 -2.76 -11.56
CA MET A 103 -10.56 -3.73 -10.48
C MET A 103 -10.29 -3.07 -9.13
N VAL A 104 -10.71 -3.80 -8.10
CA VAL A 104 -10.38 -3.56 -6.70
C VAL A 104 -9.71 -4.83 -6.19
N GLY A 105 -8.49 -4.70 -5.66
CA GLY A 105 -7.70 -5.81 -5.17
C GLY A 105 -7.35 -5.65 -3.69
N ILE A 106 -7.93 -6.52 -2.86
CA ILE A 106 -7.83 -6.43 -1.41
C ILE A 106 -7.04 -7.65 -0.92
N ALA A 107 -5.94 -7.41 -0.21
CA ALA A 107 -5.13 -8.51 0.32
C ALA A 107 -4.29 -7.99 1.48
N GLN A 108 -3.81 -8.93 2.30
CA GLN A 108 -3.16 -8.59 3.57
C GLN A 108 -1.93 -7.71 3.37
N THR A 109 -1.61 -6.93 4.40
CA THR A 109 -0.37 -6.17 4.41
C THR A 109 0.81 -7.09 4.12
N GLY A 110 1.77 -6.58 3.36
CA GLY A 110 2.99 -7.30 3.09
C GLY A 110 2.89 -8.43 2.10
N SER A 111 1.77 -8.55 1.38
CA SER A 111 1.54 -9.71 0.52
C SER A 111 1.79 -9.43 -0.96
N GLY A 112 2.38 -8.30 -1.31
CA GLY A 112 2.87 -8.07 -2.66
C GLY A 112 1.96 -7.30 -3.59
N LYS A 113 1.10 -6.42 -3.08
CA LYS A 113 0.19 -5.69 -3.97
C LYS A 113 0.95 -4.73 -4.90
N THR A 114 2.11 -4.23 -4.49
CA THR A 114 2.80 -3.25 -5.33
C THR A 114 3.13 -3.85 -6.69
N LEU A 115 3.75 -5.02 -6.72
CA LEU A 115 4.11 -5.64 -7.99
C LEU A 115 2.87 -6.13 -8.72
N ALA A 116 1.85 -6.52 -7.96
CA ALA A 116 0.56 -6.87 -8.54
C ALA A 116 0.05 -5.78 -9.47
N TYR A 117 0.25 -4.49 -9.11
CA TYR A 117 -0.15 -3.47 -10.08
C TYR A 117 0.98 -2.91 -10.95
N LEU A 118 2.25 -2.96 -10.51
CA LEU A 118 3.32 -2.37 -11.32
C LEU A 118 3.70 -3.25 -12.51
N LEU A 119 3.71 -4.58 -12.35
CA LEU A 119 4.19 -5.35 -13.50
C LEU A 119 3.19 -5.32 -14.66
N PRO A 120 1.88 -5.44 -14.40
CA PRO A 120 0.92 -5.23 -15.50
C PRO A 120 0.98 -3.82 -16.06
N ALA A 121 1.35 -2.82 -15.25
CA ALA A 121 1.51 -1.47 -15.80
C ALA A 121 2.60 -1.45 -16.85
N ILE A 122 3.70 -2.15 -16.58
CA ILE A 122 4.81 -2.16 -17.53
C ILE A 122 4.37 -2.83 -18.84
N VAL A 123 3.65 -3.95 -18.74
CA VAL A 123 3.12 -4.57 -19.96
C VAL A 123 2.21 -3.60 -20.72
N HIS A 124 1.28 -2.98 -19.99
CA HIS A 124 0.36 -2.00 -20.57
C HIS A 124 1.12 -0.92 -21.33
N ILE A 125 2.13 -0.34 -20.68
CA ILE A 125 2.91 0.73 -21.29
C ILE A 125 3.63 0.23 -22.53
N ASN A 126 4.22 -0.96 -22.44
CA ASN A 126 4.95 -1.52 -23.57
C ASN A 126 4.06 -1.74 -24.79
N HIS A 127 2.75 -1.87 -24.60
CA HIS A 127 1.88 -1.99 -25.75
C HIS A 127 1.35 -0.65 -26.29
N GLN A 128 1.78 0.50 -25.75
CA GLN A 128 1.29 1.77 -26.28
C GLN A 128 2.34 2.44 -27.14
N PRO A 129 1.94 3.35 -28.05
CA PRO A 129 2.93 4.13 -28.79
C PRO A 129 3.86 4.90 -27.85
N TYR A 130 5.07 5.16 -28.32
CA TYR A 130 6.06 5.87 -27.51
C TYR A 130 5.55 7.26 -27.12
N LEU A 131 6.05 7.76 -25.98
CA LEU A 131 5.79 9.15 -25.61
C LEU A 131 6.39 10.11 -26.63
N GLU A 132 5.62 11.13 -27.01
CA GLU A 132 6.13 12.23 -27.82
C GLU A 132 6.49 13.38 -26.88
N ARG A 133 6.68 14.58 -27.45
CA ARG A 133 6.88 15.79 -26.65
C ARG A 133 5.53 16.37 -26.28
N GLY A 134 5.42 16.86 -25.05
CA GLY A 134 4.14 17.30 -24.52
C GLY A 134 3.25 16.20 -23.99
N ASP A 135 3.73 14.96 -23.97
CA ASP A 135 2.95 13.82 -23.53
C ASP A 135 3.11 13.61 -22.02
N GLY A 136 1.99 13.49 -21.33
CA GLY A 136 2.00 13.15 -19.92
C GLY A 136 2.17 11.66 -19.70
N PRO A 137 2.06 11.21 -18.45
CA PRO A 137 2.31 9.79 -18.15
C PRO A 137 1.20 8.87 -18.66
N ILE A 138 1.59 7.63 -18.91
CA ILE A 138 0.62 6.59 -19.29
C ILE A 138 0.04 5.94 -18.04
N CYS A 139 0.89 5.65 -17.06
CA CYS A 139 0.48 5.06 -15.80
C CYS A 139 0.64 6.10 -14.70
N LEU A 140 -0.42 6.33 -13.94
CA LEU A 140 -0.39 7.22 -12.78
C LEU A 140 -0.76 6.41 -11.54
N VAL A 141 0.10 6.40 -10.52
CA VAL A 141 -0.16 5.77 -9.24
C VAL A 141 -0.30 6.87 -8.19
N LEU A 142 -1.40 6.85 -7.43
CA LEU A 142 -1.63 7.81 -6.36
C LEU A 142 -1.49 7.13 -5.02
N ALA A 143 -0.84 7.81 -4.07
CA ALA A 143 -0.55 7.26 -2.75
C ALA A 143 -0.79 8.31 -1.68
N PRO A 144 -1.03 7.89 -0.44
CA PRO A 144 -1.41 8.86 0.62
C PRO A 144 -0.25 9.58 1.31
N THR A 145 1.01 9.13 1.20
CA THR A 145 2.11 9.84 1.84
C THR A 145 3.30 9.93 0.88
N ARG A 146 4.13 10.95 1.13
CA ARG A 146 5.30 11.20 0.29
C ARG A 146 6.29 10.06 0.34
N GLU A 147 6.53 9.49 1.53
CA GLU A 147 7.51 8.41 1.62
C GLU A 147 7.02 7.16 0.89
N LEU A 148 5.71 6.90 0.94
CA LEU A 148 5.18 5.75 0.21
C LEU A 148 5.30 5.95 -1.30
N ALA A 149 4.97 7.14 -1.79
CA ALA A 149 5.14 7.42 -3.22
C ALA A 149 6.60 7.20 -3.64
N GLN A 150 7.56 7.68 -2.84
CA GLN A 150 8.97 7.46 -3.19
C GLN A 150 9.32 5.98 -3.22
N GLN A 151 8.82 5.21 -2.23
CA GLN A 151 9.09 3.78 -2.19
C GLN A 151 8.56 3.06 -3.44
N VAL A 152 7.31 3.38 -3.82
CA VAL A 152 6.72 2.76 -5.00
C VAL A 152 7.51 3.13 -6.26
N GLN A 153 7.94 4.38 -6.38
CA GLN A 153 8.76 4.76 -7.53
C GLN A 153 10.05 3.96 -7.59
N GLN A 154 10.69 3.72 -6.43
CA GLN A 154 11.91 2.91 -6.41
C GLN A 154 11.64 1.48 -6.90
N VAL A 155 10.54 0.89 -6.43
CA VAL A 155 10.16 -0.44 -6.92
C VAL A 155 10.01 -0.41 -8.44
N ALA A 156 9.27 0.57 -8.95
CA ALA A 156 9.02 0.65 -10.37
C ALA A 156 10.33 0.76 -11.14
N ASP A 157 11.26 1.56 -10.64
CA ASP A 157 12.54 1.75 -11.32
C ASP A 157 13.31 0.45 -11.40
N ASP A 158 13.24 -0.38 -10.36
CA ASP A 158 13.88 -1.71 -10.44
C ASP A 158 13.52 -2.47 -11.71
N TYR A 159 12.31 -2.25 -12.28
CA TYR A 159 11.80 -3.05 -13.40
C TYR A 159 11.66 -2.27 -14.70
N GLY A 160 11.25 -1.01 -14.66
CA GLY A 160 11.16 -0.21 -15.86
C GLY A 160 12.49 0.14 -16.48
N LYS A 161 13.57 0.12 -15.69
CA LYS A 161 14.90 0.51 -16.16
C LYS A 161 15.55 -0.54 -17.05
N CYS A 162 14.95 -1.72 -17.18
CA CYS A 162 15.46 -2.74 -18.10
C CYS A 162 14.89 -2.54 -19.50
N SER A 163 13.59 -2.24 -19.59
CA SER A 163 13.15 -1.43 -20.70
C SER A 163 13.74 -0.04 -20.55
N ARG A 164 13.37 0.87 -21.44
CA ARG A 164 13.83 2.22 -21.18
C ARG A 164 12.66 3.06 -20.73
N LEU A 165 12.00 2.58 -19.66
CA LEU A 165 10.88 3.28 -19.07
C LEU A 165 11.39 4.25 -18.02
N LYS A 166 10.90 5.48 -18.06
CA LYS A 166 11.28 6.50 -17.10
C LYS A 166 10.12 6.77 -16.16
N SER A 167 10.46 7.01 -14.91
CA SER A 167 9.47 7.25 -13.89
C SER A 167 9.83 8.50 -13.11
N THR A 168 8.85 9.06 -12.42
CA THR A 168 9.19 10.11 -11.47
C THR A 168 8.22 10.05 -10.29
N CYS A 169 8.59 10.76 -9.23
CA CYS A 169 7.76 10.91 -8.05
C CYS A 169 7.40 12.38 -7.87
N ILE A 170 6.11 12.66 -7.75
CA ILE A 170 5.56 14.00 -7.67
C ILE A 170 4.97 14.15 -6.28
N TYR A 171 5.53 15.03 -5.45
CA TYR A 171 5.11 15.09 -4.06
C TYR A 171 5.54 16.42 -3.45
N GLY A 172 4.84 16.84 -2.41
CA GLY A 172 5.10 18.12 -1.79
C GLY A 172 6.34 18.09 -0.90
N GLY A 173 6.78 19.30 -0.49
CA GLY A 173 7.89 19.41 0.43
C GLY A 173 9.26 19.38 -0.22
N ALA A 174 9.35 19.03 -1.50
CA ALA A 174 10.60 19.05 -2.25
C ALA A 174 10.48 20.09 -3.36
N PRO A 175 11.61 20.63 -3.85
CA PRO A 175 11.54 21.66 -4.88
C PRO A 175 10.73 21.22 -6.09
N LYS A 176 9.94 22.15 -6.64
CA LYS A 176 9.17 21.85 -7.84
C LYS A 176 10.05 21.65 -9.07
N GLY A 177 11.16 22.37 -9.17
CA GLY A 177 11.97 22.40 -10.38
C GLY A 177 12.39 21.05 -10.93
N PRO A 178 12.98 20.20 -10.08
CA PRO A 178 13.40 18.87 -10.56
C PRO A 178 12.23 17.99 -10.99
N GLN A 179 11.08 18.11 -10.31
CA GLN A 179 9.90 17.33 -10.72
C GLN A 179 9.37 17.82 -12.06
N ILE A 180 9.32 19.15 -12.25
CA ILE A 180 8.90 19.70 -13.52
C ILE A 180 9.82 19.23 -14.64
N ARG A 181 11.13 19.21 -14.37
CA ARG A 181 12.10 18.68 -15.33
C ARG A 181 11.77 17.25 -15.72
N ASP A 182 11.56 16.39 -14.71
CA ASP A 182 11.26 14.98 -14.99
C ASP A 182 10.00 14.86 -15.85
N LEU A 183 8.96 15.63 -15.52
CA LEU A 183 7.70 15.54 -16.25
C LEU A 183 7.84 16.03 -17.69
N GLU A 184 8.64 17.07 -17.89
CA GLU A 184 8.82 17.61 -19.23
C GLU A 184 9.71 16.72 -20.09
N ARG A 185 10.72 16.09 -19.46
CA ARG A 185 11.61 15.14 -20.18
C ARG A 185 10.72 14.01 -20.71
N GLY A 186 9.72 13.62 -19.91
CA GLY A 186 8.76 12.60 -20.28
C GLY A 186 8.90 11.39 -19.38
N VAL A 187 7.81 10.99 -18.71
CA VAL A 187 7.79 9.78 -17.92
C VAL A 187 6.61 8.94 -18.36
N GLU A 188 6.85 7.63 -18.49
CA GLU A 188 5.74 6.71 -18.72
C GLU A 188 5.02 6.38 -17.42
N ILE A 189 5.73 6.39 -16.30
CA ILE A 189 5.18 6.07 -14.98
C ILE A 189 5.35 7.29 -14.07
N CYS A 190 4.25 7.69 -13.43
CA CYS A 190 4.29 8.80 -12.49
C CYS A 190 3.65 8.33 -11.18
N ILE A 191 4.41 8.39 -10.08
CA ILE A 191 3.88 8.13 -8.74
C ILE A 191 3.71 9.46 -8.04
N ALA A 192 2.55 9.71 -7.43
CA ALA A 192 2.26 11.04 -6.91
C ALA A 192 1.46 10.97 -5.60
N THR A 193 1.73 11.95 -4.72
CA THR A 193 0.70 12.33 -3.76
C THR A 193 -0.21 13.37 -4.39
N PRO A 194 -1.46 13.50 -3.91
CA PRO A 194 -2.44 14.28 -4.70
C PRO A 194 -2.16 15.77 -4.78
N GLY A 195 -1.72 16.40 -3.69
CA GLY A 195 -1.66 17.86 -3.68
C GLY A 195 -0.71 18.42 -4.72
N ARG A 196 0.53 17.93 -4.74
CA ARG A 196 1.51 18.45 -5.69
C ARG A 196 1.08 18.16 -7.12
N LEU A 197 0.45 17.01 -7.34
CA LEU A 197 -0.02 16.70 -8.69
C LEU A 197 -1.12 17.66 -9.12
N ILE A 198 -2.08 17.93 -8.25
CA ILE A 198 -3.14 18.91 -8.56
C ILE A 198 -2.52 20.25 -8.91
N ASP A 199 -1.53 20.67 -8.13
CA ASP A 199 -0.77 21.90 -8.39
C ASP A 199 -0.22 21.90 -9.82
N PHE A 200 0.50 20.84 -10.18
CA PHE A 200 1.10 20.76 -11.52
C PHE A 200 0.06 20.66 -12.63
N LEU A 201 -1.08 20.01 -12.37
CA LEU A 201 -2.10 19.94 -13.40
C LEU A 201 -2.74 21.31 -13.63
N GLU A 202 -3.01 22.04 -12.55
CA GLU A 202 -3.62 23.36 -12.67
C GLU A 202 -2.68 24.34 -13.39
N SER A 203 -1.38 24.21 -13.16
CA SER A 203 -0.42 25.14 -13.73
C SER A 203 0.18 24.62 -15.03
N GLY A 204 -0.32 23.51 -15.55
CA GLY A 204 0.09 23.03 -16.86
C GLY A 204 1.48 22.42 -16.93
N LYS A 205 2.01 21.91 -15.81
CA LYS A 205 3.33 21.27 -15.86
C LYS A 205 3.26 19.80 -16.28
N THR A 206 2.09 19.18 -16.21
CA THR A 206 1.87 17.88 -16.86
C THR A 206 0.41 17.81 -17.22
N ASN A 207 0.01 16.71 -17.83
CA ASN A 207 -1.38 16.52 -18.22
C ASN A 207 -1.65 15.02 -18.21
N LEU A 208 -2.92 14.66 -18.29
CA LEU A 208 -3.31 13.27 -18.15
C LEU A 208 -4.00 12.77 -19.41
N ARG A 209 -3.66 13.35 -20.56
CA ARG A 209 -4.31 12.96 -21.81
C ARG A 209 -3.84 11.61 -22.32
N ARG A 210 -2.69 11.11 -21.86
CA ARG A 210 -2.24 9.76 -22.21
C ARG A 210 -2.38 8.78 -21.06
N CYS A 211 -3.00 9.19 -19.95
CA CYS A 211 -3.11 8.32 -18.80
C CYS A 211 -4.22 7.31 -19.04
N THR A 212 -3.86 6.05 -19.27
CA THR A 212 -4.82 4.99 -19.49
C THR A 212 -4.76 3.90 -18.43
N TYR A 213 -3.85 4.02 -17.46
CA TYR A 213 -3.70 3.03 -16.40
C TYR A 213 -3.52 3.82 -15.09
N LEU A 214 -4.59 3.86 -14.29
CA LEU A 214 -4.67 4.66 -13.08
C LEU A 214 -4.76 3.73 -11.87
N VAL A 215 -3.83 3.89 -10.93
CA VAL A 215 -3.78 3.05 -9.73
C VAL A 215 -4.05 3.96 -8.53
N LEU A 216 -4.99 3.56 -7.69
CA LEU A 216 -5.15 4.15 -6.36
C LEU A 216 -4.62 3.13 -5.37
N ASP A 217 -3.43 3.39 -4.82
CA ASP A 217 -2.93 2.52 -3.77
C ASP A 217 -3.47 3.05 -2.44
N GLU A 218 -3.55 2.15 -1.44
CA GLU A 218 -4.21 2.50 -0.17
C GLU A 218 -5.57 3.15 -0.44
N ALA A 219 -6.38 2.49 -1.29
CA ALA A 219 -7.51 3.16 -1.92
C ALA A 219 -8.55 3.60 -0.91
N ASP A 220 -8.76 2.84 0.17
CA ASP A 220 -9.77 3.28 1.14
C ASP A 220 -9.33 4.53 1.88
N ARG A 221 -8.03 4.70 2.12
CA ARG A 221 -7.54 5.96 2.68
C ARG A 221 -7.71 7.11 1.69
N MET A 222 -7.42 6.86 0.41
CA MET A 222 -7.54 7.89 -0.61
C MET A 222 -9.00 8.29 -0.87
N LEU A 223 -9.97 7.51 -0.40
CA LEU A 223 -11.37 7.87 -0.54
C LEU A 223 -11.96 8.43 0.76
N ASP A 224 -11.12 8.75 1.75
CA ASP A 224 -11.67 9.23 3.00
C ASP A 224 -11.98 10.72 2.92
N MET A 225 -12.45 11.27 4.04
CA MET A 225 -12.95 12.64 4.06
C MET A 225 -11.90 13.64 3.58
N GLY A 226 -10.64 13.45 3.98
CA GLY A 226 -9.60 14.38 3.58
C GLY A 226 -9.09 14.21 2.16
N PHE A 227 -9.07 12.98 1.64
CA PHE A 227 -8.47 12.72 0.33
C PHE A 227 -9.47 12.67 -0.81
N GLU A 228 -10.70 12.24 -0.57
CA GLU A 228 -11.65 12.04 -1.67
C GLU A 228 -11.82 13.25 -2.59
N PRO A 229 -11.92 14.49 -2.10
CA PRO A 229 -12.08 15.61 -3.05
C PRO A 229 -10.86 15.84 -3.92
N GLN A 230 -9.66 15.54 -3.41
CA GLN A 230 -8.46 15.65 -4.23
C GLN A 230 -8.44 14.56 -5.30
N ILE A 231 -8.77 13.32 -4.91
CA ILE A 231 -8.94 12.24 -5.88
C ILE A 231 -9.94 12.63 -6.95
N ARG A 232 -11.10 13.17 -6.54
CA ARG A 232 -12.12 13.52 -7.52
C ARG A 232 -11.61 14.58 -8.49
N LYS A 233 -10.92 15.60 -7.97
CA LYS A 233 -10.35 16.64 -8.83
C LYS A 233 -9.39 16.05 -9.86
N ILE A 234 -8.57 15.09 -9.43
CA ILE A 234 -7.60 14.49 -10.34
C ILE A 234 -8.31 13.62 -11.38
N VAL A 235 -9.15 12.69 -10.92
CA VAL A 235 -9.70 11.67 -11.80
C VAL A 235 -10.69 12.27 -12.77
N ASP A 236 -11.36 13.37 -12.39
CA ASP A 236 -12.24 14.06 -13.34
C ASP A 236 -11.48 14.58 -14.55
N GLN A 237 -10.15 14.60 -14.52
CA GLN A 237 -9.35 15.04 -15.66
C GLN A 237 -8.82 13.90 -16.51
N ILE A 238 -9.15 12.65 -16.19
CA ILE A 238 -8.66 11.49 -16.93
C ILE A 238 -9.79 10.90 -17.76
N ARG A 239 -9.48 10.50 -18.99
CA ARG A 239 -10.47 9.94 -19.90
C ARG A 239 -11.18 8.76 -19.25
N PRO A 240 -12.51 8.64 -19.42
CA PRO A 240 -13.25 7.58 -18.72
C PRO A 240 -13.06 6.19 -19.31
N ASP A 241 -12.35 6.04 -20.43
CA ASP A 241 -12.02 4.72 -20.92
C ASP A 241 -10.68 4.22 -20.38
N ARG A 242 -10.04 4.98 -19.49
CA ARG A 242 -8.89 4.47 -18.75
C ARG A 242 -9.27 3.19 -17.99
N GLN A 243 -8.24 2.42 -17.65
CA GLN A 243 -8.37 1.35 -16.67
C GLN A 243 -8.02 1.90 -15.30
N THR A 244 -8.87 1.60 -14.31
CA THR A 244 -8.70 2.05 -12.93
C THR A 244 -8.55 0.82 -12.04
N LEU A 245 -7.53 0.81 -11.19
CA LEU A 245 -7.18 -0.31 -10.31
C LEU A 245 -6.94 0.21 -8.90
N MET A 246 -7.72 -0.26 -7.92
CA MET A 246 -7.61 0.18 -6.54
C MET A 246 -7.12 -0.96 -5.68
N TRP A 247 -6.28 -0.65 -4.70
CA TRP A 247 -5.64 -1.69 -3.91
C TRP A 247 -5.61 -1.30 -2.44
N SER A 248 -5.83 -2.29 -1.56
CA SER A 248 -5.62 -2.02 -0.14
C SER A 248 -5.66 -3.31 0.66
N ALA A 249 -5.12 -3.25 1.87
CA ALA A 249 -5.33 -4.31 2.84
C ALA A 249 -6.69 -4.23 3.51
N THR A 250 -7.40 -3.10 3.42
CA THR A 250 -8.68 -2.93 4.09
C THR A 250 -9.66 -2.30 3.13
N TRP A 251 -10.91 -2.78 3.13
CA TRP A 251 -11.91 -2.31 2.18
C TRP A 251 -13.26 -2.25 2.90
N PRO A 252 -13.41 -1.30 3.82
CA PRO A 252 -14.64 -1.21 4.59
C PRO A 252 -15.83 -0.89 3.71
N LYS A 253 -17.00 -1.35 4.11
CA LYS A 253 -18.23 -1.14 3.34
C LYS A 253 -18.43 0.33 3.00
N GLU A 254 -18.06 1.22 3.92
CA GLU A 254 -18.29 2.67 3.73
C GLU A 254 -17.60 3.24 2.49
N VAL A 255 -16.54 2.63 1.98
CA VAL A 255 -15.95 3.25 0.78
C VAL A 255 -16.42 2.61 -0.52
N ARG A 256 -17.24 1.55 -0.46
CA ARG A 256 -17.44 0.73 -1.66
C ARG A 256 -18.34 1.41 -2.69
N GLN A 257 -19.47 1.99 -2.24
CA GLN A 257 -20.34 2.69 -3.19
C GLN A 257 -19.63 3.92 -3.74
N LEU A 258 -18.99 4.69 -2.87
CA LEU A 258 -18.22 5.85 -3.32
C LEU A 258 -17.19 5.46 -4.38
N ALA A 259 -16.56 4.29 -4.23
CA ALA A 259 -15.51 3.91 -5.17
C ALA A 259 -16.05 3.80 -6.58
N GLU A 260 -17.33 3.47 -6.72
CA GLU A 260 -17.93 3.31 -8.04
C GLU A 260 -17.96 4.60 -8.84
N ASP A 261 -17.81 5.75 -8.18
CA ASP A 261 -17.70 7.01 -8.92
C ASP A 261 -16.48 7.02 -9.83
N PHE A 262 -15.50 6.17 -9.55
CA PHE A 262 -14.22 6.18 -10.26
C PHE A 262 -13.94 4.87 -10.97
N LEU A 263 -14.92 3.97 -11.03
CA LEU A 263 -14.76 2.65 -11.64
C LEU A 263 -15.84 2.44 -12.69
N ARG A 264 -15.53 1.58 -13.66
CA ARG A 264 -16.45 1.24 -14.75
C ARG A 264 -16.32 -0.24 -15.05
N ASP A 265 -17.43 -0.97 -15.05
CA ASP A 265 -17.45 -2.41 -15.36
C ASP A 265 -16.34 -3.16 -14.60
N TYR A 266 -16.32 -3.02 -13.28
CA TYR A 266 -15.15 -3.41 -12.51
C TYR A 266 -15.35 -4.76 -11.79
N THR A 267 -14.24 -5.31 -11.32
CA THR A 267 -14.19 -6.61 -10.66
C THR A 267 -13.48 -6.46 -9.32
N GLN A 268 -14.07 -7.03 -8.27
CA GLN A 268 -13.52 -6.97 -6.92
C GLN A 268 -12.98 -8.35 -6.54
N ILE A 269 -11.72 -8.40 -6.11
CA ILE A 269 -11.09 -9.63 -5.64
C ILE A 269 -10.53 -9.40 -4.23
N ASN A 270 -10.53 -10.48 -3.45
CA ASN A 270 -10.14 -10.46 -2.05
C ASN A 270 -9.23 -11.66 -1.78
N VAL A 271 -8.25 -11.48 -0.89
CA VAL A 271 -7.45 -12.58 -0.38
C VAL A 271 -7.67 -12.64 1.12
N GLY A 272 -7.92 -13.85 1.63
CA GLY A 272 -8.20 -14.02 3.05
C GLY A 272 -9.67 -13.80 3.38
N ASN A 273 -9.92 -13.60 4.67
CA ASN A 273 -11.30 -13.45 5.11
C ASN A 273 -11.93 -12.21 4.50
N LEU A 274 -13.24 -12.26 4.27
CA LEU A 274 -13.91 -11.12 3.65
C LEU A 274 -14.09 -9.96 4.64
N GLU A 275 -14.11 -10.25 5.94
CA GLU A 275 -14.18 -9.22 6.97
C GLU A 275 -12.80 -8.59 7.18
N LEU A 276 -12.77 -7.51 7.97
CA LEU A 276 -11.52 -6.85 8.32
C LEU A 276 -10.56 -7.87 8.94
N SER A 277 -9.35 -7.96 8.38
CA SER A 277 -8.44 -8.98 8.88
C SER A 277 -7.00 -8.50 8.81
N ALA A 278 -6.23 -8.84 9.84
CA ALA A 278 -4.81 -8.57 9.90
C ALA A 278 -4.02 -9.69 9.25
N ASN A 279 -2.73 -9.41 9.01
CA ASN A 279 -1.79 -10.44 8.58
C ASN A 279 -1.63 -11.47 9.70
N HIS A 280 -1.84 -12.74 9.38
CA HIS A 280 -1.84 -13.77 10.41
C HIS A 280 -0.45 -14.15 10.89
N ASN A 281 0.60 -13.63 10.28
CA ASN A 281 1.95 -13.87 10.77
C ASN A 281 2.36 -12.91 11.88
N ILE A 282 1.46 -12.03 12.32
CA ILE A 282 1.72 -11.10 13.42
C ILE A 282 1.19 -11.70 14.72
N LEU A 283 2.06 -11.80 15.72
CA LEU A 283 1.61 -12.09 17.08
C LEU A 283 1.07 -10.80 17.69
N GLN A 284 -0.20 -10.77 18.05
CA GLN A 284 -0.87 -9.56 18.49
C GLN A 284 -1.10 -9.61 19.99
N ILE A 285 -0.46 -8.69 20.72
CA ILE A 285 -0.59 -8.61 22.17
C ILE A 285 -1.28 -7.29 22.51
N VAL A 286 -2.24 -7.35 23.42
CA VAL A 286 -2.98 -6.17 23.86
C VAL A 286 -2.85 -6.09 25.36
N ASP A 287 -2.30 -4.96 25.84
CA ASP A 287 -2.13 -4.67 27.26
C ASP A 287 -3.17 -3.61 27.62
N VAL A 288 -4.16 -3.98 28.43
CA VAL A 288 -5.17 -3.04 28.88
C VAL A 288 -4.64 -2.33 30.11
N CYS A 289 -4.52 -1.00 30.04
CA CYS A 289 -3.89 -0.26 31.14
C CYS A 289 -4.44 1.15 31.17
N MET A 290 -4.14 1.86 32.25
CA MET A 290 -4.47 3.27 32.35
C MET A 290 -3.49 4.10 31.54
N GLU A 291 -3.95 5.28 31.09
CA GLU A 291 -3.09 6.18 30.35
C GLU A 291 -1.78 6.46 31.09
N SER A 292 -1.89 6.71 32.40
CA SER A 292 -0.72 7.09 33.19
C SER A 292 0.30 5.96 33.32
N GLU A 293 -0.07 4.72 32.98
CA GLU A 293 0.87 3.61 33.04
C GLU A 293 1.71 3.46 31.78
N LYS A 294 1.29 4.07 30.66
CA LYS A 294 1.93 3.79 29.39
C LYS A 294 3.44 4.00 29.46
N ASP A 295 3.87 5.13 30.04
CA ASP A 295 5.30 5.43 30.05
C ASP A 295 6.08 4.28 30.62
N HIS A 296 5.73 3.85 31.84
CA HIS A 296 6.52 2.81 32.48
C HIS A 296 6.48 1.54 31.64
N LYS A 297 5.28 1.19 31.14
CA LYS A 297 5.17 -0.06 30.42
C LYS A 297 6.02 -0.01 29.15
N LEU A 298 6.04 1.16 28.48
CA LEU A 298 6.85 1.27 27.28
C LEU A 298 8.31 0.97 27.59
N ILE A 299 8.83 1.58 28.66
CA ILE A 299 10.24 1.38 28.98
C ILE A 299 10.50 -0.09 29.26
N GLN A 300 9.60 -0.72 30.04
CA GLN A 300 9.77 -2.14 30.32
C GLN A 300 9.88 -2.91 29.02
N LEU A 301 8.92 -2.66 28.12
CA LEU A 301 8.90 -3.36 26.84
C LEU A 301 10.19 -3.10 26.08
N MET A 302 10.62 -1.84 26.01
CA MET A 302 11.80 -1.53 25.20
C MET A 302 13.04 -2.19 25.79
N GLU A 303 13.11 -2.29 27.13
CA GLU A 303 14.25 -2.96 27.74
C GLU A 303 14.32 -4.41 27.28
N GLU A 304 13.17 -5.06 27.15
CA GLU A 304 13.17 -6.42 26.62
C GLU A 304 13.58 -6.42 25.15
N ILE A 305 12.96 -5.53 24.36
CA ILE A 305 13.14 -5.58 22.91
C ILE A 305 14.60 -5.33 22.57
N MET A 306 15.20 -4.32 23.19
CA MET A 306 16.56 -3.94 22.85
C MET A 306 17.60 -4.91 23.39
N ALA A 307 17.20 -5.92 24.17
CA ALA A 307 18.15 -6.94 24.56
C ALA A 307 18.31 -8.02 23.50
N GLU A 308 17.47 -8.01 22.46
CA GLU A 308 17.51 -8.99 21.39
C GLU A 308 18.32 -8.46 20.21
N LYS A 309 18.81 -9.39 19.38
CA LYS A 309 19.72 -9.00 18.30
C LYS A 309 18.95 -8.32 17.17
N GLU A 310 17.75 -8.81 16.86
CA GLU A 310 16.85 -8.19 15.89
C GLU A 310 15.78 -7.42 16.66
N ASN A 311 15.91 -6.10 16.69
CA ASN A 311 15.12 -5.27 17.59
C ASN A 311 14.53 -4.03 16.94
N LYS A 312 14.51 -3.95 15.60
CA LYS A 312 13.99 -2.77 14.94
C LYS A 312 12.50 -2.61 15.26
N THR A 313 12.11 -1.41 15.70
CA THR A 313 10.82 -1.18 16.33
C THR A 313 10.21 0.13 15.83
N ILE A 314 8.90 0.09 15.55
CA ILE A 314 8.12 1.30 15.28
C ILE A 314 7.13 1.50 16.43
N ILE A 315 7.08 2.71 16.96
CA ILE A 315 6.14 3.11 18.01
C ILE A 315 5.20 4.15 17.41
N PHE A 316 3.91 3.86 17.39
CA PHE A 316 2.90 4.75 16.86
C PHE A 316 2.22 5.51 17.99
N VAL A 317 2.00 6.82 17.75
CA VAL A 317 1.31 7.69 18.69
C VAL A 317 0.22 8.45 17.95
N GLU A 318 -0.66 9.07 18.73
CA GLU A 318 -1.88 9.69 18.19
C GLU A 318 -1.64 11.02 17.50
N THR A 319 -0.67 11.83 17.95
CA THR A 319 -0.53 13.19 17.42
C THR A 319 0.93 13.54 17.17
N LYS A 320 1.13 14.55 16.32
CA LYS A 320 2.48 15.06 16.06
C LYS A 320 3.12 15.57 17.36
N ARG A 321 2.34 16.26 18.18
CA ARG A 321 2.87 16.77 19.45
C ARG A 321 3.31 15.62 20.36
N ARG A 322 2.50 14.56 20.44
CA ARG A 322 2.89 13.41 21.26
C ARG A 322 4.10 12.71 20.68
N CYS A 323 4.25 12.76 19.35
CA CYS A 323 5.37 12.09 18.71
C CYS A 323 6.67 12.83 19.07
N ASP A 324 6.64 14.15 18.96
CA ASP A 324 7.79 14.98 19.36
C ASP A 324 8.12 14.81 20.83
N ASP A 325 7.09 14.87 21.69
CA ASP A 325 7.31 14.80 23.13
C ASP A 325 7.87 13.44 23.55
N LEU A 326 7.26 12.34 23.07
CA LEU A 326 7.79 11.02 23.41
C LEU A 326 9.21 10.85 22.91
N THR A 327 9.52 11.36 21.71
CA THR A 327 10.88 11.19 21.21
C THR A 327 11.88 11.96 22.06
N ARG A 328 11.55 13.20 22.45
CA ARG A 328 12.46 13.93 23.34
C ARG A 328 12.63 13.22 24.67
N ARG A 329 11.53 12.75 25.25
CA ARG A 329 11.59 12.03 26.52
C ARG A 329 12.49 10.81 26.42
N MET A 330 12.41 10.09 25.31
CA MET A 330 13.20 8.87 25.18
C MET A 330 14.66 9.19 24.89
N ARG A 331 14.92 10.16 24.02
CA ARG A 331 16.30 10.52 23.70
C ARG A 331 17.03 11.04 24.94
N ARG A 332 16.31 11.76 25.82
CA ARG A 332 16.93 12.24 27.04
C ARG A 332 17.37 11.11 27.97
N ASP A 333 16.81 9.90 27.81
CA ASP A 333 17.28 8.74 28.55
C ASP A 333 18.26 7.89 27.74
N GLY A 334 18.80 8.41 26.65
CA GLY A 334 19.76 7.66 25.87
C GLY A 334 19.20 6.60 24.96
N TRP A 335 17.89 6.61 24.71
CA TRP A 335 17.32 5.67 23.75
C TRP A 335 17.57 6.16 22.33
N PRO A 336 18.01 5.30 21.42
CA PRO A 336 18.34 5.73 20.05
C PRO A 336 17.09 5.85 19.18
N ALA A 337 16.19 6.76 19.58
CA ALA A 337 14.90 6.93 18.94
C ALA A 337 14.89 8.17 18.07
N MET A 338 14.23 8.08 16.91
CA MET A 338 14.00 9.24 16.07
C MET A 338 12.53 9.25 15.68
N CYS A 339 12.03 10.40 15.23
CA CYS A 339 10.61 10.48 14.94
C CYS A 339 10.34 11.05 13.55
N ILE A 340 9.18 10.66 13.01
CA ILE A 340 8.71 11.16 11.73
C ILE A 340 7.24 11.55 11.87
N HIS A 341 6.90 12.76 11.41
CA HIS A 341 5.51 13.21 11.38
C HIS A 341 5.41 14.37 10.39
N GLY A 342 4.17 14.81 10.16
CA GLY A 342 3.87 15.76 9.10
C GLY A 342 4.35 17.18 9.35
N ASP A 343 4.84 17.50 10.55
CA ASP A 343 5.37 18.83 10.80
C ASP A 343 6.87 18.93 10.60
N LYS A 344 7.55 17.82 10.33
CA LYS A 344 8.95 17.88 9.99
C LYS A 344 9.12 18.29 8.53
N SER A 345 10.25 18.92 8.23
CA SER A 345 10.57 19.21 6.82
C SER A 345 10.75 17.90 6.05
N GLN A 346 10.48 17.95 4.75
CA GLN A 346 10.62 16.72 3.96
C GLN A 346 12.06 16.20 3.93
N PRO A 347 13.10 17.04 3.85
CA PRO A 347 14.46 16.47 3.98
C PRO A 347 14.68 15.74 5.29
N GLU A 348 14.10 16.23 6.39
CA GLU A 348 14.22 15.51 7.65
C GLU A 348 13.42 14.22 7.65
N ARG A 349 12.21 14.24 7.11
CA ARG A 349 11.42 13.01 7.02
C ARG A 349 12.17 11.95 6.22
N ASP A 350 12.67 12.33 5.03
CA ASP A 350 13.46 11.42 4.20
C ASP A 350 14.64 10.87 4.96
N TRP A 351 15.38 11.75 5.66
CA TRP A 351 16.60 11.31 6.34
C TRP A 351 16.27 10.32 7.47
N VAL A 352 15.23 10.62 8.26
CA VAL A 352 14.88 9.74 9.38
C VAL A 352 14.45 8.38 8.86
N LEU A 353 13.62 8.34 7.82
CA LEU A 353 13.18 7.04 7.32
C LEU A 353 14.35 6.27 6.72
N ASN A 354 15.29 6.95 6.04
CA ASN A 354 16.44 6.23 5.50
C ASN A 354 17.32 5.67 6.62
N GLU A 355 17.48 6.44 7.71
CA GLU A 355 18.23 5.94 8.86
C GLU A 355 17.55 4.73 9.47
N PHE A 356 16.21 4.73 9.51
CA PHE A 356 15.47 3.58 10.01
C PHE A 356 15.63 2.38 9.09
N ARG A 357 15.55 2.61 7.78
CA ARG A 357 15.70 1.52 6.82
C ARG A 357 17.06 0.87 6.96
N SER A 358 18.12 1.67 7.13
CA SER A 358 19.46 1.14 7.19
C SER A 358 19.76 0.42 8.51
N GLY A 359 18.97 0.67 9.54
CA GLY A 359 19.24 0.11 10.85
C GLY A 359 20.11 0.97 11.74
N LYS A 360 20.65 2.07 11.23
CA LYS A 360 21.46 2.96 12.06
C LYS A 360 20.67 3.51 13.23
N ALA A 361 19.36 3.67 13.07
CA ALA A 361 18.49 4.04 14.18
C ALA A 361 17.41 2.97 14.30
N PRO A 362 17.42 2.15 15.37
CA PRO A 362 16.51 1.01 15.44
C PRO A 362 15.14 1.33 15.98
N ILE A 363 14.87 2.57 16.41
CA ILE A 363 13.59 2.95 17.00
C ILE A 363 13.03 4.14 16.23
N LEU A 364 11.85 3.95 15.63
CA LEU A 364 11.14 5.00 14.93
C LEU A 364 9.83 5.27 15.66
N ILE A 365 9.64 6.52 16.07
CA ILE A 365 8.39 6.98 16.67
C ILE A 365 7.65 7.78 15.61
N ALA A 366 6.36 7.50 15.43
CA ALA A 366 5.68 8.00 14.25
C ALA A 366 4.20 8.23 14.51
N THR A 367 3.64 9.17 13.78
CA THR A 367 2.20 9.31 13.63
C THR A 367 1.74 8.33 12.56
N ASP A 368 0.46 8.41 12.20
CA ASP A 368 -0.04 7.56 11.12
C ASP A 368 0.54 7.90 9.76
N VAL A 369 1.44 8.90 9.67
CA VAL A 369 2.16 9.10 8.42
C VAL A 369 2.91 7.84 8.01
N ALA A 370 3.26 6.99 8.98
CA ALA A 370 4.04 5.78 8.70
C ALA A 370 3.19 4.52 8.78
N SER A 371 1.87 4.66 8.89
CA SER A 371 1.02 3.50 9.13
C SER A 371 0.75 2.66 7.88
N ARG A 372 0.83 3.24 6.68
CA ARG A 372 0.41 2.53 5.48
C ARG A 372 1.54 2.35 4.49
N GLY A 373 1.60 1.14 3.91
CA GLY A 373 2.36 0.90 2.70
C GLY A 373 3.86 0.73 2.88
N LEU A 374 4.45 1.44 3.83
CA LEU A 374 5.90 1.39 4.01
C LEU A 374 6.40 -0.04 4.24
N ASP A 375 7.43 -0.42 3.51
CA ASP A 375 7.97 -1.77 3.46
C ASP A 375 9.42 -1.67 3.92
N VAL A 376 9.63 -1.75 5.22
CA VAL A 376 10.95 -1.61 5.83
C VAL A 376 11.45 -2.98 6.22
N GLU A 377 12.65 -3.32 5.77
CA GLU A 377 13.22 -4.62 6.11
C GLU A 377 13.45 -4.74 7.60
N ASP A 378 13.09 -5.91 8.14
CA ASP A 378 13.50 -6.34 9.48
C ASP A 378 12.84 -5.59 10.61
N VAL A 379 11.70 -4.93 10.39
CA VAL A 379 10.93 -4.44 11.53
C VAL A 379 10.38 -5.65 12.28
N LYS A 380 10.78 -5.79 13.54
CA LYS A 380 10.32 -6.96 14.30
C LYS A 380 9.24 -6.63 15.31
N PHE A 381 9.06 -5.35 15.65
CA PHE A 381 8.09 -4.95 16.67
C PHE A 381 7.35 -3.69 16.24
N VAL A 382 6.03 -3.70 16.41
CA VAL A 382 5.18 -2.52 16.28
C VAL A 382 4.47 -2.32 17.62
N ILE A 383 4.60 -1.12 18.18
CA ILE A 383 3.99 -0.77 19.46
C ILE A 383 3.00 0.34 19.21
N ASN A 384 1.73 0.09 19.56
CA ASN A 384 0.69 1.12 19.56
C ASN A 384 0.71 1.75 20.94
N TYR A 385 1.54 2.78 21.09
CA TYR A 385 1.56 3.55 22.34
C TYR A 385 0.19 4.16 22.59
N ASP A 386 -0.40 4.75 21.55
CA ASP A 386 -1.81 5.11 21.56
C ASP A 386 -2.56 4.21 20.59
N TYR A 387 -3.74 3.75 20.99
CA TYR A 387 -4.58 2.99 20.06
C TYR A 387 -5.01 3.90 18.92
N PRO A 388 -5.07 3.39 17.68
CA PRO A 388 -5.39 4.27 16.55
C PRO A 388 -6.84 4.70 16.48
N ASN A 389 -7.13 5.51 15.46
CA ASN A 389 -8.43 6.13 15.26
C ASN A 389 -9.48 5.14 14.78
N SER A 390 -9.07 4.05 14.15
CA SER A 390 -10.02 3.09 13.58
C SER A 390 -9.38 1.72 13.59
N SER A 391 -10.21 0.69 13.46
CA SER A 391 -9.66 -0.67 13.39
C SER A 391 -8.89 -0.89 12.09
N GLU A 392 -9.28 -0.22 11.00
CA GLU A 392 -8.50 -0.31 9.78
C GLU A 392 -7.09 0.22 10.00
N ASP A 393 -6.97 1.35 10.72
CA ASP A 393 -5.65 1.92 11.00
C ASP A 393 -4.82 0.97 11.85
N TYR A 394 -5.45 0.28 12.81
CA TYR A 394 -4.78 -0.75 13.58
C TYR A 394 -4.19 -1.83 12.66
N VAL A 395 -5.01 -2.35 11.73
CA VAL A 395 -4.53 -3.40 10.83
C VAL A 395 -3.34 -2.92 10.01
N HIS A 396 -3.41 -1.67 9.51
CA HIS A 396 -2.29 -1.18 8.71
C HIS A 396 -1.04 -0.97 9.56
N ARG A 397 -1.19 -0.37 10.74
CA ARG A 397 -0.05 -0.12 11.60
C ARG A 397 0.68 -1.41 11.93
N ILE A 398 -0.06 -2.43 12.40
CA ILE A 398 0.64 -3.63 12.81
C ILE A 398 1.22 -4.35 11.59
N GLY A 399 0.66 -4.10 10.38
CA GLY A 399 1.25 -4.63 9.17
C GLY A 399 2.59 -4.03 8.77
N ARG A 400 3.18 -3.09 9.54
CA ARG A 400 4.54 -2.68 9.22
C ARG A 400 5.56 -3.76 9.56
N THR A 401 5.20 -4.70 10.43
CA THR A 401 6.03 -5.88 10.64
C THR A 401 5.42 -7.04 9.84
N ALA A 402 6.11 -8.17 9.83
CA ALA A 402 5.62 -9.38 9.16
C ALA A 402 5.38 -9.14 7.67
N ARG A 403 6.36 -8.52 7.01
CA ARG A 403 6.30 -8.34 5.57
C ARG A 403 6.69 -9.64 4.86
N SER A 404 6.12 -9.85 3.69
CA SER A 404 6.41 -11.01 2.84
C SER A 404 6.22 -12.26 3.71
N THR A 405 7.20 -13.15 3.83
CA THR A 405 7.06 -14.35 4.63
C THR A 405 7.46 -14.16 6.09
N ASN A 406 7.93 -12.97 6.47
CA ASN A 406 8.47 -12.75 7.80
C ASN A 406 7.37 -12.75 8.86
N LYS A 407 7.77 -13.06 10.08
CA LYS A 407 6.89 -12.94 11.24
C LYS A 407 7.22 -11.67 12.01
N GLY A 408 6.29 -11.27 12.88
CA GLY A 408 6.52 -10.08 13.68
C GLY A 408 5.58 -10.04 14.86
N THR A 409 5.79 -9.03 15.71
CA THR A 409 5.03 -8.88 16.95
C THR A 409 4.50 -7.46 17.09
N ALA A 410 3.25 -7.36 17.51
CA ALA A 410 2.60 -6.09 17.82
C ALA A 410 2.18 -6.09 19.28
N TYR A 411 2.46 -4.97 19.97
CA TYR A 411 2.03 -4.71 21.34
C TYR A 411 1.20 -3.44 21.35
N THR A 412 0.02 -3.49 21.93
CA THR A 412 -0.89 -2.36 21.92
C THR A 412 -1.28 -1.98 23.33
N PHE A 413 -1.16 -0.69 23.67
CA PHE A 413 -1.66 -0.16 24.94
C PHE A 413 -3.08 0.35 24.74
N PHE A 414 -4.04 -0.28 25.43
CA PHE A 414 -5.46 -0.02 25.25
C PHE A 414 -6.01 0.47 26.58
N THR A 415 -6.56 1.68 26.59
CA THR A 415 -7.05 2.27 27.83
C THR A 415 -8.57 2.27 27.87
N PRO A 416 -9.17 2.46 29.04
CA PRO A 416 -10.63 2.63 29.11
C PRO A 416 -11.16 3.72 28.19
N GLY A 417 -10.38 4.79 27.96
CA GLY A 417 -10.78 5.81 27.01
C GLY A 417 -10.93 5.30 25.58
N ASN A 418 -10.40 4.12 25.28
CA ASN A 418 -10.55 3.50 23.97
C ASN A 418 -11.75 2.55 23.90
N LEU A 419 -12.62 2.56 24.91
CA LEU A 419 -13.64 1.52 25.06
C LEU A 419 -14.47 1.31 23.79
N LYS A 420 -14.84 2.41 23.12
CA LYS A 420 -15.73 2.32 21.96
C LYS A 420 -15.14 1.48 20.83
N GLN A 421 -13.82 1.32 20.81
CA GLN A 421 -13.15 0.59 19.76
C GLN A 421 -12.88 -0.87 20.12
N ALA A 422 -13.30 -1.29 21.32
CA ALA A 422 -12.98 -2.63 21.79
C ALA A 422 -13.65 -3.72 20.95
N ARG A 423 -14.94 -3.55 20.65
CA ARG A 423 -15.68 -4.58 19.91
C ARG A 423 -14.94 -4.97 18.63
N GLU A 424 -14.65 -3.99 17.78
CA GLU A 424 -14.00 -4.32 16.51
C GLU A 424 -12.61 -4.87 16.73
N LEU A 425 -11.89 -4.36 17.75
CA LEU A 425 -10.57 -4.92 17.99
C LEU A 425 -10.68 -6.39 18.34
N ILE A 426 -11.66 -6.74 19.17
CA ILE A 426 -11.83 -8.15 19.54
C ILE A 426 -12.10 -8.98 18.29
N LYS A 427 -12.91 -8.45 17.37
CA LYS A 427 -13.20 -9.21 16.17
C LYS A 427 -11.93 -9.46 15.36
N VAL A 428 -11.07 -8.44 15.24
CA VAL A 428 -9.84 -8.62 14.48
C VAL A 428 -8.98 -9.67 15.16
N LEU A 429 -8.88 -9.58 16.48
CA LEU A 429 -8.05 -10.54 17.19
C LEU A 429 -8.60 -11.94 17.03
N GLU A 430 -9.94 -12.06 17.02
CA GLU A 430 -10.53 -13.39 16.90
C GLU A 430 -10.31 -13.93 15.50
N GLU A 431 -10.39 -13.06 14.49
CA GLU A 431 -10.23 -13.55 13.12
C GLU A 431 -8.83 -14.11 12.91
N ALA A 432 -7.84 -13.55 13.61
CA ALA A 432 -6.46 -13.97 13.49
C ALA A 432 -6.10 -15.08 14.47
N ASN A 433 -7.09 -15.64 15.17
CA ASN A 433 -6.86 -16.73 16.13
C ASN A 433 -5.83 -16.34 17.19
N GLN A 434 -5.97 -15.12 17.71
CA GLN A 434 -5.08 -14.61 18.75
C GLN A 434 -5.71 -14.83 20.13
N ALA A 435 -4.86 -14.97 21.14
CA ALA A 435 -5.34 -15.03 22.51
C ALA A 435 -5.80 -13.65 22.95
N ILE A 436 -7.02 -13.56 23.49
CA ILE A 436 -7.61 -12.29 23.88
C ILE A 436 -7.37 -12.06 25.37
N ASN A 437 -6.75 -10.93 25.70
CA ASN A 437 -6.60 -10.50 27.08
C ASN A 437 -7.96 -10.46 27.78
N PRO A 438 -8.14 -11.16 28.89
CA PRO A 438 -9.44 -11.12 29.59
C PRO A 438 -9.87 -9.72 29.97
N LYS A 439 -8.94 -8.81 30.27
CA LYS A 439 -9.33 -7.44 30.61
C LYS A 439 -10.01 -6.75 29.43
N LEU A 440 -9.57 -7.07 28.21
CA LEU A 440 -10.21 -6.52 27.03
C LEU A 440 -11.64 -7.01 26.90
N MET A 441 -11.85 -8.32 27.08
CA MET A 441 -13.22 -8.87 27.06
C MET A 441 -14.08 -8.28 28.17
N GLN A 442 -13.52 -8.14 29.37
CA GLN A 442 -14.23 -7.50 30.47
C GLN A 442 -14.67 -6.09 30.11
N LEU A 443 -13.89 -5.38 29.29
CA LEU A 443 -14.31 -4.04 28.86
C LEU A 443 -15.67 -4.07 28.17
N VAL A 444 -15.97 -5.15 27.44
CA VAL A 444 -17.29 -5.29 26.82
C VAL A 444 -18.13 -6.30 27.61
PB ADP C . 1.67 -4.77 0.23
O1B ADP C . 1.60 -3.66 -0.76
O2B ADP C . 0.81 -5.96 -0.14
O3B ADP C . 1.51 -4.33 1.70
PA ADP C . 4.40 -4.89 -0.78
O1A ADP C . 5.06 -3.73 -0.04
O2A ADP C . 4.07 -4.69 -2.22
O3A ADP C . 3.16 -5.41 0.11
O5' ADP C . 5.36 -6.19 -0.70
C5' ADP C . 5.96 -6.60 0.54
C4' ADP C . 7.28 -7.33 0.23
O4' ADP C . 7.04 -8.57 -0.46
C3' ADP C . 8.16 -6.49 -0.68
O3' ADP C . 9.49 -6.48 -0.14
C2' ADP C . 8.22 -7.25 -1.99
O2' ADP C . 9.51 -7.15 -2.59
C1' ADP C . 7.95 -8.68 -1.54
N9 ADP C . 7.33 -9.51 -2.60
C8 ADP C . 6.48 -9.09 -3.55
N7 ADP C . 6.10 -10.13 -4.34
C5 ADP C . 6.73 -11.22 -3.89
C6 ADP C . 6.78 -12.65 -4.26
N6 ADP C . 6.05 -13.08 -5.32
N1 ADP C . 7.57 -13.48 -3.53
C2 ADP C . 8.30 -13.03 -2.49
N3 ADP C . 8.31 -11.73 -2.08
C4 ADP C . 7.55 -10.81 -2.73
BE BEF D . 0.81 -3.22 2.21
F1 BEF D . 0.91 -1.87 1.47
F2 BEF D . 1.40 -3.00 3.64
F3 BEF D . -0.71 -3.50 2.42
MG MG E . 1.29 -1.61 -0.45
MG MG F . -13.44 -2.53 -17.00
MG MG G . -11.00 -0.81 -17.92
MG MG H . -10.00 -9.20 5.14
#